data_9FK3
#
_entry.id   9FK3
#
_cell.length_a   89.592
_cell.length_b   61.901
_cell.length_c   110.647
_cell.angle_alpha   90.000
_cell.angle_beta   105.252
_cell.angle_gamma   90.000
#
_symmetry.space_group_name_H-M   'I 1 2 1'
#
loop_
_entity.id
_entity.type
_entity.pdbx_description
1 polymer Endo-1,4-beta-xylanase
2 branched beta-D-xylopyranose-(1-4)-1-fluoro-D-xylopyranose
3 branched beta-D-xylopyranose-(1-4)-beta-D-xylopyranose-(1-4)-beta-D-xylopyranose-(1-4)-1-fluoro-D-xylopyranose
4 non-polymer 'ZINC ION'
5 non-polymer 'CHLORIDE ION'
6 water water
#
_entity_poly.entity_id   1
_entity_poly.type   'polypeptide(L)'
_entity_poly.pdbx_seq_one_letter_code
;KNADSYAKKPHISALNAPQLDQRYKNEFTIGAAVEPYQLQNEKDVQMLKRHFNSIVAENVMKPISIQPEEGKFNFEQADR
IVKFAKANGMDIRFHTLVWHSQVPQWFFLDKEGKPMVNETDPVKREQNKQLLLKRLETHIKTIVERYKDDIKYWDVVNEV
VGDDGKLRNSPWYQIAGIDYIKVAFQAARKYGGDNIKLYMNDYNTEVEPKRTALYNLVKQLKEEGVPIDGIGHQSHIQIG
WPSEAEIEKTINMFAALGLDNQITGLDVSMYGWPPRAYPTYDAIPKQKFLDQAARYDRLFKLYEKLSDKISNVTFWGIAD
NHTWLDSRADVYYDANGNVVVDPNAPYAKVEKGKGKDAPFVFGPDYKVKPAYWAIIDHK
;
_entity_poly.pdbx_strand_id   A
#
loop_
_chem_comp.id
_chem_comp.type
_chem_comp.name
_chem_comp.formula
A1ID6 D-saccharide 1-fluoro-D-xylopyranose 'C5 H9 F O4'
CL non-polymer 'CHLORIDE ION' 'Cl -1'
XYP D-saccharide, beta linking beta-D-xylopyranose 'C5 H10 O5'
ZN non-polymer 'ZINC ION' 'Zn 2'
#
# COMPACT_ATOMS: atom_id res chain seq x y z
N SER A 5 2.96 20.18 15.04
CA SER A 5 2.54 20.32 16.44
C SER A 5 3.58 21.04 17.33
N TYR A 6 4.48 20.28 17.97
CA TYR A 6 5.47 20.86 18.88
C TYR A 6 6.86 20.72 18.26
N ALA A 7 7.32 21.80 17.62
CA ALA A 7 8.69 21.90 17.13
C ALA A 7 9.70 22.20 18.23
N LYS A 8 9.24 22.49 19.45
CA LYS A 8 10.15 22.65 20.58
C LYS A 8 10.72 21.29 21.00
N LYS A 9 9.95 20.22 20.82
CA LYS A 9 10.37 18.92 21.26
C LYS A 9 11.53 18.39 20.39
N PRO A 10 12.45 17.67 20.99
CA PRO A 10 13.77 17.48 20.38
C PRO A 10 13.83 16.38 19.32
N HIS A 11 14.86 16.52 18.47
CA HIS A 11 15.19 15.58 17.38
C HIS A 11 16.03 14.43 17.95
N ILE A 12 15.45 13.68 18.86
CA ILE A 12 16.18 12.56 19.47
C ILE A 12 16.13 11.32 18.57
N SER A 13 17.04 10.39 18.84
CA SER A 13 16.97 9.06 18.24
C SER A 13 15.62 8.39 18.44
N ALA A 14 15.06 7.85 17.35
CA ALA A 14 13.81 7.11 17.44
C ALA A 14 13.95 5.85 18.30
N LEU A 15 15.15 5.28 18.42
CA LEU A 15 15.35 4.14 19.32
C LEU A 15 15.28 4.53 20.79
N ASN A 16 15.27 5.82 21.09
CA ASN A 16 15.10 6.34 22.45
C ASN A 16 13.72 6.90 22.67
N ALA A 17 12.85 6.84 21.67
CA ALA A 17 11.59 7.53 21.78
C ALA A 17 10.48 6.60 22.25
N PRO A 18 9.44 7.15 22.86
CA PRO A 18 8.26 6.34 23.20
C PRO A 18 7.74 5.56 21.99
N GLN A 19 7.33 4.31 22.26
CA GLN A 19 7.00 3.37 21.19
C GLN A 19 5.68 3.75 20.51
N LEU A 20 5.74 3.86 19.19
CA LEU A 20 4.57 4.28 18.42
C LEU A 20 3.45 3.25 18.49
N ASP A 21 3.77 1.96 18.36
CA ASP A 21 2.71 0.96 18.43
C ASP A 21 2.02 0.93 19.80
N GLN A 22 2.77 1.18 20.88
CA GLN A 22 2.18 1.13 22.21
C GLN A 22 1.26 2.31 22.46
N ARG A 23 1.56 3.46 21.85
CA ARG A 23 0.68 4.62 21.94
C ARG A 23 -0.70 4.31 21.38
N TYR A 24 -0.77 3.45 20.35
CA TYR A 24 -2.00 3.20 19.61
C TYR A 24 -2.54 1.79 19.81
N LYS A 25 -2.02 1.02 20.76
CA LYS A 25 -2.29 -0.43 20.77
C LYS A 25 -3.75 -0.79 21.01
N ASN A 26 -4.57 0.11 21.59
CA ASN A 26 -6.00 -0.18 21.71
C ASN A 26 -6.82 0.37 20.56
N GLU A 27 -6.24 1.21 19.71
CA GLU A 27 -6.96 1.81 18.59
C GLU A 27 -6.78 1.03 17.28
N PHE A 28 -5.55 0.67 16.93
CA PHE A 28 -5.21 -0.08 15.72
C PHE A 28 -3.73 -0.43 15.80
N THR A 29 -3.33 -1.47 15.07
CA THR A 29 -1.91 -1.79 14.98
C THR A 29 -1.18 -0.74 14.14
N ILE A 30 0.15 -0.70 14.27
CA ILE A 30 1.02 0.22 13.55
C ILE A 30 2.01 -0.60 12.73
N GLY A 31 1.96 -0.44 11.41
CA GLY A 31 2.76 -1.29 10.53
C GLY A 31 3.75 -0.55 9.65
N ALA A 32 4.73 -1.29 9.11
CA ALA A 32 5.68 -0.76 8.14
C ALA A 32 5.85 -1.76 7.00
N ALA A 33 6.03 -1.24 5.79
CA ALA A 33 6.37 -2.05 4.62
C ALA A 33 7.89 -2.22 4.56
N VAL A 34 8.35 -3.45 4.33
CA VAL A 34 9.78 -3.73 4.42
C VAL A 34 10.29 -4.58 3.24
N GLU A 35 11.63 -4.52 3.04
CA GLU A 35 12.43 -5.35 2.18
C GLU A 35 13.31 -6.29 3.02
N PRO A 36 13.57 -7.50 2.55
CA PRO A 36 14.43 -8.41 3.34
C PRO A 36 15.76 -7.81 3.77
N TYR A 37 16.45 -7.04 2.92
CA TYR A 37 17.74 -6.50 3.32
C TYR A 37 17.62 -5.64 4.59
N GLN A 38 16.49 -4.98 4.80
CA GLN A 38 16.33 -4.18 6.01
C GLN A 38 16.36 -5.05 7.27
N LEU A 39 16.11 -6.35 7.15
CA LEU A 39 16.21 -7.20 8.33
C LEU A 39 17.66 -7.57 8.63
N GLN A 40 18.59 -7.18 7.77
CA GLN A 40 20.02 -7.33 7.96
C GLN A 40 20.66 -6.05 8.49
N ASN A 41 19.86 -5.00 8.62
CA ASN A 41 20.33 -3.67 8.95
C ASN A 41 19.96 -3.39 10.39
N GLU A 42 20.98 -3.13 11.23
CA GLU A 42 20.73 -3.06 12.67
C GLU A 42 19.71 -1.98 13.03
N LYS A 43 19.83 -0.78 12.44
CA LYS A 43 18.91 0.29 12.79
C LYS A 43 17.48 -0.05 12.39
N ASP A 44 17.29 -0.57 11.16
CA ASP A 44 15.95 -0.95 10.73
C ASP A 44 15.36 -2.02 11.64
N VAL A 45 16.17 -3.02 12.01
CA VAL A 45 15.69 -4.05 12.90
C VAL A 45 15.26 -3.45 14.24
N GLN A 46 16.08 -2.53 14.77
CA GLN A 46 15.74 -1.89 16.04
C GLN A 46 14.46 -1.07 15.92
N MET A 47 14.29 -0.39 14.78
CA MET A 47 13.06 0.37 14.56
C MET A 47 11.84 -0.53 14.54
N LEU A 48 11.93 -1.68 13.84
CA LEU A 48 10.79 -2.58 13.75
C LEU A 48 10.45 -3.17 15.12
N LYS A 49 11.47 -3.59 15.89
CA LYS A 49 11.20 -4.13 17.23
C LYS A 49 10.60 -3.07 18.14
N ARG A 50 11.06 -1.82 18.01
CA ARG A 50 10.66 -0.79 18.97
C ARG A 50 9.30 -0.19 18.66
N HIS A 51 8.99 0.08 17.39
CA HIS A 51 7.85 0.96 17.11
C HIS A 51 6.67 0.29 16.40
N PHE A 52 6.83 -0.90 15.83
CA PHE A 52 5.81 -1.46 14.97
C PHE A 52 5.38 -2.82 15.49
N ASN A 53 4.10 -3.16 15.25
CA ASN A 53 3.60 -4.48 15.63
C ASN A 53 2.85 -5.13 14.48
N SER A 54 3.04 -4.63 13.27
CA SER A 54 2.46 -5.20 12.06
C SER A 54 3.48 -4.96 10.95
N ILE A 55 3.48 -5.84 9.95
CA ILE A 55 4.47 -5.82 8.88
C ILE A 55 3.83 -6.27 7.57
N VAL A 56 4.40 -5.80 6.45
CA VAL A 56 3.99 -6.14 5.09
C VAL A 56 5.23 -6.08 4.20
N ALA A 57 5.26 -6.92 3.18
CA ALA A 57 6.37 -6.88 2.22
C ALA A 57 6.16 -5.78 1.19
N GLU A 58 7.16 -4.91 1.06
CA GLU A 58 7.11 -3.87 0.03
C GLU A 58 7.06 -4.47 -1.38
N ASN A 59 7.76 -5.60 -1.61
CA ASN A 59 7.88 -6.13 -2.96
C ASN A 59 7.91 -7.65 -3.07
N VAL A 60 8.49 -8.38 -2.11
CA VAL A 60 8.83 -9.78 -2.38
C VAL A 60 7.65 -10.73 -2.29
N MET A 61 6.43 -10.24 -2.00
CA MET A 61 5.25 -11.10 -2.04
C MET A 61 4.33 -10.77 -3.21
N LYS A 62 4.77 -9.92 -4.14
CA LYS A 62 3.99 -9.62 -5.34
C LYS A 62 4.04 -10.80 -6.31
N PRO A 63 3.08 -10.88 -7.24
CA PRO A 63 3.01 -12.06 -8.12
C PRO A 63 4.29 -12.37 -8.87
N ILE A 64 4.97 -11.37 -9.44
CA ILE A 64 6.18 -11.67 -10.20
C ILE A 64 7.31 -12.12 -9.28
N SER A 65 7.29 -11.69 -8.00
CA SER A 65 8.33 -12.14 -7.06
C SER A 65 8.10 -13.58 -6.61
N ILE A 66 6.84 -14.01 -6.49
CA ILE A 66 6.54 -15.34 -5.96
C ILE A 66 6.59 -16.40 -7.06
N GLN A 67 5.99 -16.16 -8.24
CA GLN A 67 5.99 -17.14 -9.32
C GLN A 67 6.42 -16.50 -10.65
N PRO A 68 7.70 -16.18 -10.81
CA PRO A 68 8.12 -15.47 -12.02
C PRO A 68 8.05 -16.32 -13.28
N GLU A 69 8.11 -17.65 -13.16
CA GLU A 69 7.81 -18.58 -14.24
C GLU A 69 6.82 -19.59 -13.69
N GLU A 70 5.94 -20.09 -14.56
CA GLU A 70 4.91 -21.02 -14.07
C GLU A 70 5.54 -22.29 -13.50
N GLY A 71 5.18 -22.61 -12.27
CA GLY A 71 5.76 -23.72 -11.55
C GLY A 71 6.99 -23.38 -10.73
N LYS A 72 7.54 -22.19 -10.89
CA LYS A 72 8.74 -21.77 -10.19
C LYS A 72 8.32 -20.83 -9.07
N PHE A 73 8.26 -21.36 -7.85
CA PHE A 73 7.86 -20.59 -6.69
C PHE A 73 9.08 -20.21 -5.86
N ASN A 74 9.23 -18.91 -5.59
CA ASN A 74 10.34 -18.36 -4.80
C ASN A 74 9.74 -17.77 -3.53
N PHE A 75 9.65 -18.57 -2.48
CA PHE A 75 9.20 -18.12 -1.17
C PHE A 75 10.34 -17.71 -0.24
N GLU A 76 11.60 -17.83 -0.67
CA GLU A 76 12.72 -17.63 0.24
C GLU A 76 12.71 -16.23 0.85
N GLN A 77 12.45 -15.21 0.04
CA GLN A 77 12.46 -13.84 0.55
C GLN A 77 11.23 -13.57 1.43
N ALA A 78 10.05 -14.01 0.97
CA ALA A 78 8.84 -13.86 1.78
C ALA A 78 8.96 -14.57 3.12
N ASP A 79 9.56 -15.77 3.12
CA ASP A 79 9.76 -16.51 4.37
C ASP A 79 10.54 -15.69 5.39
N ARG A 80 11.57 -14.97 4.94
CA ARG A 80 12.37 -14.19 5.87
C ARG A 80 11.52 -13.16 6.60
N ILE A 81 10.59 -12.51 5.90
CA ILE A 81 9.71 -11.56 6.53
C ILE A 81 8.75 -12.25 7.50
N VAL A 82 8.16 -13.38 7.09
CA VAL A 82 7.28 -14.12 7.99
C VAL A 82 8.03 -14.56 9.24
N LYS A 83 9.27 -15.05 9.08
CA LYS A 83 10.05 -15.50 10.23
C LYS A 83 10.29 -14.36 11.20
N PHE A 84 10.66 -13.19 10.69
CA PHE A 84 10.96 -12.05 11.56
C PHE A 84 9.72 -11.63 12.33
N ALA A 85 8.58 -11.56 11.64
CA ALA A 85 7.34 -11.16 12.28
C ALA A 85 6.98 -12.13 13.40
N LYS A 86 7.01 -13.43 13.10
CA LYS A 86 6.68 -14.42 14.12
C LYS A 86 7.59 -14.27 15.33
N ALA A 87 8.89 -14.09 15.11
CA ALA A 87 9.83 -13.96 16.22
C ALA A 87 9.58 -12.71 17.04
N ASN A 88 8.86 -11.70 16.51
CA ASN A 88 8.67 -10.46 17.25
C ASN A 88 7.19 -10.17 17.53
N GLY A 89 6.31 -11.15 17.37
CA GLY A 89 4.91 -10.94 17.71
C GLY A 89 4.21 -9.92 16.84
N MET A 90 4.59 -9.81 15.57
CA MET A 90 4.00 -8.86 14.64
C MET A 90 2.91 -9.53 13.80
N ASP A 91 1.81 -8.82 13.57
CA ASP A 91 0.88 -9.20 12.52
C ASP A 91 1.57 -9.12 11.14
N ILE A 92 1.05 -9.88 10.19
CA ILE A 92 1.55 -9.90 8.82
C ILE A 92 0.39 -9.60 7.87
N ARG A 93 0.61 -8.70 6.92
CA ARG A 93 -0.27 -8.53 5.78
C ARG A 93 0.41 -9.13 4.54
N PHE A 94 -0.35 -9.85 3.71
CA PHE A 94 0.18 -10.34 2.45
C PHE A 94 -0.16 -9.38 1.31
N HIS A 95 0.88 -8.82 0.67
CA HIS A 95 0.73 -7.91 -0.46
C HIS A 95 1.51 -8.48 -1.64
N THR A 96 0.83 -8.93 -2.71
CA THR A 96 -0.63 -8.98 -2.89
C THR A 96 -0.88 -10.15 -3.86
N LEU A 97 -2.08 -10.76 -3.82
CA LEU A 97 -2.31 -11.97 -4.60
C LEU A 97 -2.56 -11.68 -6.08
N VAL A 98 -3.17 -10.53 -6.41
CA VAL A 98 -3.55 -10.21 -7.78
C VAL A 98 -3.29 -8.72 -8.03
N TRP A 99 -2.60 -8.41 -9.14
CA TRP A 99 -2.28 -7.03 -9.51
C TRP A 99 -1.92 -7.00 -10.99
N HIS A 100 -2.07 -5.82 -11.60
CA HIS A 100 -1.73 -5.62 -13.01
C HIS A 100 -0.29 -5.15 -13.21
N SER A 101 0.44 -4.88 -12.13
CA SER A 101 1.86 -4.54 -12.16
C SER A 101 2.64 -5.60 -11.42
N GLN A 102 3.94 -5.67 -11.70
CA GLN A 102 4.82 -6.67 -11.10
C GLN A 102 4.11 -8.02 -11.08
N VAL A 103 3.68 -8.43 -12.27
CA VAL A 103 2.92 -9.64 -12.49
C VAL A 103 3.53 -10.33 -13.70
N PRO A 104 3.83 -11.62 -13.63
CA PRO A 104 4.55 -12.26 -14.74
C PRO A 104 3.67 -12.39 -15.98
N GLN A 105 4.28 -12.11 -17.14
CA GLN A 105 3.56 -12.12 -18.41
C GLN A 105 3.05 -13.50 -18.79
N TRP A 106 3.68 -14.58 -18.30
CA TRP A 106 3.26 -15.91 -18.70
C TRP A 106 1.81 -16.20 -18.32
N PHE A 107 1.26 -15.48 -17.34
CA PHE A 107 -0.15 -15.64 -17.01
C PHE A 107 -1.04 -15.47 -18.23
N PHE A 108 -0.69 -14.55 -19.11
CA PHE A 108 -1.63 -14.04 -20.11
C PHE A 108 -1.34 -14.54 -21.52
N LEU A 109 -0.53 -15.59 -21.66
CA LEU A 109 -0.21 -16.19 -22.95
C LEU A 109 -1.09 -17.42 -23.18
N ASP A 110 -1.58 -17.58 -24.41
CA ASP A 110 -2.38 -18.76 -24.75
C ASP A 110 -1.48 -19.99 -24.93
N LYS A 111 -2.11 -21.12 -25.29
CA LYS A 111 -1.38 -22.39 -25.38
C LYS A 111 -0.27 -22.36 -26.43
N GLU A 112 -0.37 -21.50 -27.43
CA GLU A 112 0.67 -21.33 -28.43
C GLU A 112 1.60 -20.17 -28.13
N GLY A 113 1.56 -19.63 -26.91
CA GLY A 113 2.48 -18.58 -26.52
C GLY A 113 2.13 -17.20 -27.01
N LYS A 114 0.93 -16.99 -27.53
CA LYS A 114 0.52 -15.71 -28.07
C LYS A 114 -0.38 -14.99 -27.06
N PRO A 115 -0.32 -13.65 -26.99
CA PRO A 115 -1.11 -12.92 -25.98
C PRO A 115 -2.60 -13.22 -26.10
N MET A 116 -3.21 -13.64 -24.99
CA MET A 116 -4.64 -13.92 -24.95
C MET A 116 -5.47 -12.70 -25.36
N VAL A 117 -4.98 -11.48 -25.12
CA VAL A 117 -5.76 -10.28 -25.43
C VAL A 117 -6.02 -10.16 -26.93
N ASN A 118 -5.14 -10.73 -27.76
CA ASN A 118 -5.27 -10.63 -29.22
C ASN A 118 -6.31 -11.58 -29.80
N GLU A 119 -6.80 -12.56 -29.04
CA GLU A 119 -7.66 -13.58 -29.61
C GLU A 119 -9.02 -13.02 -30.00
N THR A 120 -9.46 -13.31 -31.22
CA THR A 120 -10.76 -12.84 -31.72
C THR A 120 -11.84 -13.92 -31.70
N ASP A 121 -11.47 -15.20 -31.73
CA ASP A 121 -12.45 -16.26 -31.71
C ASP A 121 -13.15 -16.34 -30.36
N PRO A 122 -14.48 -16.27 -30.30
CA PRO A 122 -15.15 -16.32 -28.99
C PRO A 122 -15.04 -17.66 -28.29
N VAL A 123 -14.90 -18.76 -29.02
CA VAL A 123 -14.73 -20.05 -28.36
C VAL A 123 -13.33 -20.15 -27.76
N LYS A 124 -12.33 -19.58 -28.44
CA LYS A 124 -10.98 -19.57 -27.89
C LYS A 124 -10.85 -18.55 -26.77
N ARG A 125 -11.57 -17.42 -26.87
CA ARG A 125 -11.55 -16.46 -25.77
C ARG A 125 -12.07 -17.10 -24.50
N GLU A 126 -13.14 -17.91 -24.60
CA GLU A 126 -13.67 -18.53 -23.40
C GLU A 126 -12.69 -19.56 -22.84
N GLN A 127 -12.00 -20.28 -23.73
CA GLN A 127 -10.97 -21.20 -23.27
C GLN A 127 -9.82 -20.45 -22.59
N ASN A 128 -9.50 -19.25 -23.06
CA ASN A 128 -8.43 -18.49 -22.42
C ASN A 128 -8.85 -18.00 -21.04
N LYS A 129 -10.09 -17.51 -20.92
CA LYS A 129 -10.62 -17.14 -19.63
C LYS A 129 -10.48 -18.29 -18.63
N GLN A 130 -10.89 -19.49 -19.03
CA GLN A 130 -10.81 -20.63 -18.12
C GLN A 130 -9.36 -20.99 -17.79
N LEU A 131 -8.46 -20.93 -18.78
CA LEU A 131 -7.06 -21.21 -18.50
C LEU A 131 -6.46 -20.18 -17.54
N LEU A 132 -6.76 -18.89 -17.77
CA LEU A 132 -6.25 -17.87 -16.86
C LEU A 132 -6.80 -18.05 -15.45
N LEU A 133 -8.10 -18.37 -15.34
CA LEU A 133 -8.70 -18.53 -14.03
C LEU A 133 -8.14 -19.73 -13.30
N LYS A 134 -7.73 -20.78 -14.02
CA LYS A 134 -7.09 -21.92 -13.38
C LYS A 134 -5.69 -21.55 -12.87
N ARG A 135 -4.91 -20.87 -13.71
CA ARG A 135 -3.62 -20.36 -13.26
C ARG A 135 -3.76 -19.48 -12.02
N LEU A 136 -4.74 -18.58 -12.02
CA LEU A 136 -4.99 -17.74 -10.87
C LEU A 136 -5.19 -18.57 -9.62
N GLU A 137 -6.08 -19.56 -9.70
CA GLU A 137 -6.41 -20.38 -8.54
C GLU A 137 -5.19 -21.14 -8.02
N THR A 138 -4.35 -21.64 -8.94
CA THR A 138 -3.17 -22.40 -8.54
C THR A 138 -2.15 -21.49 -7.86
N HIS A 139 -1.95 -20.29 -8.39
CA HIS A 139 -1.09 -19.30 -7.74
C HIS A 139 -1.56 -19.03 -6.31
N ILE A 140 -2.85 -18.74 -6.15
CA ILE A 140 -3.38 -18.41 -4.83
C ILE A 140 -3.33 -19.62 -3.91
N LYS A 141 -3.62 -20.81 -4.45
CA LYS A 141 -3.66 -22.02 -3.64
C LYS A 141 -2.29 -22.31 -3.06
N THR A 142 -1.26 -22.23 -3.89
CA THR A 142 0.09 -22.54 -3.42
C THR A 142 0.51 -21.58 -2.33
N ILE A 143 0.23 -20.29 -2.50
CA ILE A 143 0.65 -19.29 -1.51
C ILE A 143 -0.12 -19.47 -0.21
N VAL A 144 -1.44 -19.66 -0.30
CA VAL A 144 -2.26 -19.65 0.89
C VAL A 144 -2.06 -20.94 1.68
N GLU A 145 -1.89 -22.07 0.98
CA GLU A 145 -1.59 -23.31 1.66
C GLU A 145 -0.31 -23.20 2.47
N ARG A 146 0.65 -22.39 2.03
CA ARG A 146 1.90 -22.26 2.78
C ARG A 146 1.75 -21.32 3.99
N TYR A 147 1.00 -20.22 3.85
CA TYR A 147 1.03 -19.13 4.84
C TYR A 147 -0.25 -18.98 5.64
N LYS A 148 -1.26 -19.85 5.47
CA LYS A 148 -2.57 -19.61 6.08
C LYS A 148 -2.51 -19.56 7.60
N ASP A 149 -1.57 -20.25 8.22
CA ASP A 149 -1.49 -20.25 9.67
C ASP A 149 -0.65 -19.10 10.23
N ASP A 150 0.02 -18.32 9.38
CA ASP A 150 0.90 -17.25 9.82
C ASP A 150 0.42 -15.85 9.44
N ILE A 151 -0.33 -15.70 8.36
CA ILE A 151 -0.67 -14.39 7.81
C ILE A 151 -2.16 -14.16 7.98
N LYS A 152 -2.52 -13.14 8.76
CA LYS A 152 -3.91 -12.93 9.10
C LYS A 152 -4.64 -12.09 8.05
N TYR A 153 -3.95 -11.14 7.43
CA TYR A 153 -4.58 -10.16 6.55
C TYR A 153 -4.04 -10.29 5.13
N TRP A 154 -4.93 -10.21 4.14
CA TRP A 154 -4.60 -10.51 2.75
C TRP A 154 -5.13 -9.43 1.83
N ASP A 155 -4.22 -8.73 1.12
CA ASP A 155 -4.60 -7.98 -0.09
C ASP A 155 -4.88 -8.98 -1.21
N VAL A 156 -6.13 -9.47 -1.33
CA VAL A 156 -6.44 -10.44 -2.36
C VAL A 156 -6.29 -9.83 -3.76
N VAL A 157 -6.81 -8.62 -3.95
CA VAL A 157 -6.64 -7.91 -5.22
C VAL A 157 -6.17 -6.50 -4.93
N ASN A 158 -5.41 -5.94 -5.87
CA ASN A 158 -4.85 -4.60 -5.76
C ASN A 158 -5.23 -3.79 -7.00
N GLU A 159 -5.80 -2.59 -6.78
CA GLU A 159 -6.02 -1.59 -7.82
C GLU A 159 -6.86 -2.13 -8.99
N VAL A 160 -8.01 -2.74 -8.68
CA VAL A 160 -8.84 -3.32 -9.74
C VAL A 160 -9.88 -2.33 -10.27
N VAL A 161 -10.09 -1.20 -9.59
CA VAL A 161 -11.02 -0.18 -10.07
C VAL A 161 -10.20 0.95 -10.69
N GLY A 162 -10.58 1.37 -11.89
CA GLY A 162 -9.89 2.45 -12.55
C GLY A 162 -10.23 3.80 -11.98
N ASP A 163 -9.33 4.76 -12.22
CA ASP A 163 -9.57 6.13 -11.79
C ASP A 163 -10.75 6.79 -12.51
N ASP A 164 -11.14 6.28 -13.68
CA ASP A 164 -12.32 6.77 -14.39
C ASP A 164 -13.62 6.16 -13.86
N GLY A 165 -13.56 5.40 -12.77
CA GLY A 165 -14.77 4.83 -12.21
C GLY A 165 -15.27 3.58 -12.92
N LYS A 166 -14.59 3.14 -13.96
CA LYS A 166 -14.82 1.82 -14.54
C LYS A 166 -13.84 0.83 -13.94
N LEU A 167 -14.15 -0.46 -14.09
CA LEU A 167 -13.17 -1.45 -13.69
C LEU A 167 -11.92 -1.26 -14.53
N ARG A 168 -10.75 -1.42 -13.90
CA ARG A 168 -9.50 -1.25 -14.64
C ARG A 168 -9.43 -2.28 -15.77
N ASN A 169 -9.14 -1.80 -16.98
CA ASN A 169 -9.11 -2.68 -18.14
C ASN A 169 -7.74 -3.35 -18.30
N SER A 170 -7.31 -4.03 -17.24
CA SER A 170 -6.08 -4.78 -17.27
C SER A 170 -6.27 -6.07 -18.07
N PRO A 171 -5.17 -6.76 -18.43
CA PRO A 171 -5.34 -8.08 -19.04
C PRO A 171 -6.22 -9.01 -18.22
N TRP A 172 -6.12 -8.98 -16.88
CA TRP A 172 -7.04 -9.74 -16.03
C TRP A 172 -8.48 -9.52 -16.47
N TYR A 173 -8.84 -8.25 -16.66
CA TYR A 173 -10.22 -7.91 -16.99
C TYR A 173 -10.55 -8.15 -18.45
N GLN A 174 -9.63 -7.83 -19.37
CA GLN A 174 -9.90 -8.05 -20.79
C GLN A 174 -10.08 -9.52 -21.08
N ILE A 175 -9.29 -10.37 -20.42
CA ILE A 175 -9.32 -11.80 -20.72
C ILE A 175 -10.46 -12.49 -19.98
N ALA A 176 -10.69 -12.15 -18.71
CA ALA A 176 -11.59 -12.93 -17.88
C ALA A 176 -12.80 -12.17 -17.34
N GLY A 177 -12.87 -10.86 -17.55
CA GLY A 177 -14.00 -10.11 -17.01
C GLY A 177 -13.93 -10.03 -15.49
N ILE A 178 -15.07 -9.68 -14.89
CA ILE A 178 -15.16 -9.48 -13.45
C ILE A 178 -14.88 -10.76 -12.67
N ASP A 179 -14.96 -11.93 -13.33
CA ASP A 179 -14.83 -13.19 -12.61
C ASP A 179 -13.45 -13.39 -11.98
N TYR A 180 -12.41 -12.74 -12.52
CA TYR A 180 -11.10 -12.90 -11.92
C TYR A 180 -11.08 -12.37 -10.49
N ILE A 181 -11.86 -11.33 -10.21
CA ILE A 181 -11.97 -10.81 -8.85
C ILE A 181 -12.71 -11.80 -7.95
N LYS A 182 -13.84 -12.32 -8.43
CA LYS A 182 -14.58 -13.32 -7.66
C LYS A 182 -13.74 -14.57 -7.40
N VAL A 183 -13.02 -15.05 -8.43
CA VAL A 183 -12.23 -16.27 -8.29
C VAL A 183 -11.12 -16.07 -7.27
N ALA A 184 -10.52 -14.88 -7.25
CA ALA A 184 -9.41 -14.62 -6.34
C ALA A 184 -9.88 -14.70 -4.89
N PHE A 185 -11.00 -14.08 -4.58
CA PHE A 185 -11.49 -14.12 -3.20
C PHE A 185 -11.99 -15.52 -2.81
N GLN A 186 -12.73 -16.18 -3.71
CA GLN A 186 -13.22 -17.53 -3.41
C GLN A 186 -12.06 -18.48 -3.14
N ALA A 187 -11.03 -18.42 -4.00
CA ALA A 187 -9.87 -19.29 -3.81
C ALA A 187 -9.17 -18.99 -2.49
N ALA A 188 -9.03 -17.72 -2.14
CA ALA A 188 -8.36 -17.39 -0.88
C ALA A 188 -9.15 -17.94 0.29
N ARG A 189 -10.46 -17.76 0.29
CA ARG A 189 -11.27 -18.31 1.38
C ARG A 189 -11.21 -19.82 1.41
N LYS A 190 -11.24 -20.47 0.24
CA LYS A 190 -11.29 -21.93 0.22
C LYS A 190 -10.03 -22.55 0.82
N TYR A 191 -8.85 -22.03 0.45
CA TYR A 191 -7.60 -22.66 0.87
C TYR A 191 -7.06 -22.09 2.17
N GLY A 192 -7.60 -20.96 2.64
CA GLY A 192 -7.08 -20.34 3.85
C GLY A 192 -7.97 -20.49 5.06
N GLY A 193 -9.23 -20.86 4.85
CA GLY A 193 -10.18 -20.98 5.93
C GLY A 193 -10.81 -19.65 6.30
N ASP A 194 -11.64 -19.71 7.35
CA ASP A 194 -12.48 -18.59 7.77
C ASP A 194 -11.75 -17.57 8.63
N ASN A 195 -10.55 -17.90 9.12
CA ASN A 195 -9.85 -17.04 10.06
C ASN A 195 -8.95 -15.99 9.39
N ILE A 196 -8.58 -16.16 8.11
CA ILE A 196 -7.84 -15.10 7.42
C ILE A 196 -8.84 -14.06 6.91
N LYS A 197 -8.38 -12.81 6.85
CA LYS A 197 -9.22 -11.68 6.48
C LYS A 197 -8.80 -11.19 5.09
N LEU A 198 -9.80 -11.05 4.21
CA LEU A 198 -9.58 -10.80 2.78
C LEU A 198 -9.91 -9.36 2.45
N TYR A 199 -8.98 -8.67 1.77
CA TYR A 199 -9.11 -7.25 1.51
C TYR A 199 -8.99 -6.95 0.02
N MET A 200 -9.75 -5.93 -0.41
CA MET A 200 -9.55 -5.26 -1.68
C MET A 200 -8.80 -3.96 -1.41
N ASN A 201 -7.64 -3.79 -2.05
CA ASN A 201 -6.72 -2.69 -1.77
C ASN A 201 -6.66 -1.74 -2.98
N ASP A 202 -6.54 -0.44 -2.72
CA ASP A 202 -6.50 0.52 -3.81
C ASP A 202 -5.98 1.87 -3.31
N TYR A 203 -5.62 2.74 -4.26
CA TYR A 203 -5.26 4.11 -3.97
C TYR A 203 -6.40 5.03 -4.39
N ASN A 204 -6.41 6.25 -3.83
CA ASN A 204 -7.42 7.24 -4.16
C ASN A 204 -8.83 6.70 -3.88
N THR A 205 -8.96 5.91 -2.80
CA THR A 205 -10.26 5.42 -2.39
C THR A 205 -11.18 6.56 -1.96
N GLU A 206 -10.63 7.73 -1.69
CA GLU A 206 -11.37 8.91 -1.28
C GLU A 206 -11.96 9.69 -2.44
N VAL A 207 -11.60 9.36 -3.68
CA VAL A 207 -11.79 10.25 -4.82
C VAL A 207 -12.90 9.72 -5.72
N GLU A 208 -13.86 10.62 -6.07
CA GLU A 208 -14.91 10.26 -7.03
C GLU A 208 -14.41 10.45 -8.46
N PRO A 209 -14.90 9.65 -9.42
CA PRO A 209 -15.90 8.57 -9.30
C PRO A 209 -15.38 7.21 -8.80
N LYS A 210 -14.07 7.09 -8.55
CA LYS A 210 -13.50 5.82 -8.11
C LYS A 210 -14.12 5.32 -6.81
N ARG A 211 -14.34 6.23 -5.85
CA ARG A 211 -14.86 5.82 -4.54
C ARG A 211 -16.20 5.11 -4.67
N THR A 212 -17.14 5.70 -5.39
CA THR A 212 -18.46 5.08 -5.52
C THR A 212 -18.39 3.82 -6.36
N ALA A 213 -17.51 3.80 -7.37
CA ALA A 213 -17.31 2.59 -8.16
C ALA A 213 -16.78 1.45 -7.30
N LEU A 214 -15.83 1.75 -6.42
CA LEU A 214 -15.35 0.77 -5.45
C LEU A 214 -16.48 0.31 -4.54
N TYR A 215 -17.26 1.27 -4.01
CA TYR A 215 -18.39 0.96 -3.15
C TYR A 215 -19.39 0.03 -3.83
N ASN A 216 -19.83 0.39 -5.04
CA ASN A 216 -20.79 -0.46 -5.74
C ASN A 216 -20.20 -1.83 -6.01
N LEU A 217 -18.92 -1.91 -6.38
CA LEU A 217 -18.32 -3.19 -6.71
C LEU A 217 -18.35 -4.13 -5.50
N VAL A 218 -17.86 -3.67 -4.35
CA VAL A 218 -17.81 -4.56 -3.20
C VAL A 218 -19.21 -4.88 -2.70
N LYS A 219 -20.14 -3.91 -2.83
CA LYS A 219 -21.53 -4.16 -2.45
C LYS A 219 -22.13 -5.30 -3.26
N GLN A 220 -21.96 -5.26 -4.58
CA GLN A 220 -22.49 -6.30 -5.44
C GLN A 220 -21.83 -7.65 -5.15
N LEU A 221 -20.50 -7.66 -4.98
CA LEU A 221 -19.80 -8.92 -4.72
C LEU A 221 -20.28 -9.58 -3.44
N LYS A 222 -20.44 -8.80 -2.38
CA LYS A 222 -20.95 -9.36 -1.12
C LYS A 222 -22.36 -9.91 -1.28
N GLU A 223 -23.20 -9.22 -2.06
CA GLU A 223 -24.55 -9.71 -2.31
C GLU A 223 -24.53 -11.06 -3.01
N GLU A 224 -23.55 -11.26 -3.90
CA GLU A 224 -23.41 -12.55 -4.59
C GLU A 224 -22.67 -13.58 -3.75
N GLY A 225 -22.35 -13.28 -2.49
CA GLY A 225 -21.67 -14.24 -1.63
C GLY A 225 -20.16 -14.33 -1.80
N VAL A 226 -19.54 -13.39 -2.50
CA VAL A 226 -18.07 -13.38 -2.58
C VAL A 226 -17.51 -12.97 -1.23
N PRO A 227 -16.57 -13.72 -0.64
CA PRO A 227 -16.06 -13.37 0.69
C PRO A 227 -15.09 -12.20 0.61
N ILE A 228 -15.48 -11.08 1.21
CA ILE A 228 -14.58 -9.94 1.31
C ILE A 228 -14.81 -9.28 2.66
N ASP A 229 -13.75 -9.11 3.43
CA ASP A 229 -13.86 -8.63 4.81
C ASP A 229 -13.56 -7.15 4.96
N GLY A 230 -12.78 -6.56 4.06
CA GLY A 230 -12.41 -5.17 4.27
C GLY A 230 -11.88 -4.49 3.03
N ILE A 231 -11.57 -3.21 3.19
CA ILE A 231 -11.00 -2.37 2.15
C ILE A 231 -9.62 -1.88 2.64
N GLY A 232 -8.62 -1.99 1.79
CA GLY A 232 -7.31 -1.40 2.05
C GLY A 232 -7.21 -0.03 1.38
N HIS A 233 -6.97 0.99 2.20
CA HIS A 233 -6.75 2.36 1.71
C HIS A 233 -5.26 2.62 1.67
N GLN A 234 -4.67 2.60 0.46
CA GLN A 234 -3.24 2.84 0.35
C GLN A 234 -2.84 4.16 1.00
N SER A 235 -3.66 5.19 0.84
CA SER A 235 -3.41 6.50 1.45
C SER A 235 -2.03 7.07 1.07
N HIS A 236 -1.76 7.10 -0.23
CA HIS A 236 -0.63 7.89 -0.73
C HIS A 236 -1.12 9.32 -0.88
N ILE A 237 -0.93 10.13 0.16
CA ILE A 237 -1.59 11.42 0.27
C ILE A 237 -0.54 12.54 0.34
N GLN A 238 -1.04 13.76 0.27
CA GLN A 238 -0.28 15.00 0.28
C GLN A 238 -0.58 15.75 1.57
N ILE A 239 0.13 16.87 1.79
CA ILE A 239 -0.11 17.65 2.99
C ILE A 239 -1.52 18.22 2.99
N GLY A 240 -2.05 18.58 1.83
CA GLY A 240 -3.35 19.24 1.78
C GLY A 240 -4.47 18.50 1.07
N TRP A 241 -4.16 17.35 0.47
CA TRP A 241 -5.14 16.60 -0.31
C TRP A 241 -4.88 15.12 -0.05
N PRO A 242 -5.94 14.30 0.09
CA PRO A 242 -7.34 14.73 0.17
C PRO A 242 -7.69 15.25 1.56
N SER A 243 -8.81 15.96 1.66
CA SER A 243 -9.21 16.58 2.93
C SER A 243 -9.55 15.53 3.96
N GLU A 244 -9.37 15.89 5.23
CA GLU A 244 -9.78 14.98 6.30
C GLU A 244 -11.26 14.64 6.21
N ALA A 245 -12.10 15.62 5.83
CA ALA A 245 -13.54 15.36 5.74
C ALA A 245 -13.84 14.28 4.71
N GLU A 246 -13.12 14.28 3.57
CA GLU A 246 -13.35 13.25 2.58
C GLU A 246 -12.78 11.90 3.02
N ILE A 247 -11.66 11.90 3.75
CA ILE A 247 -11.16 10.64 4.31
C ILE A 247 -12.21 10.05 5.25
N GLU A 248 -12.80 10.89 6.09
CA GLU A 248 -13.80 10.43 7.05
C GLU A 248 -15.03 9.88 6.34
N LYS A 249 -15.51 10.59 5.32
CA LYS A 249 -16.67 10.12 4.57
C LYS A 249 -16.38 8.78 3.90
N THR A 250 -15.17 8.63 3.35
CA THR A 250 -14.77 7.37 2.73
C THR A 250 -14.80 6.22 3.73
N ILE A 251 -14.19 6.43 4.90
CA ILE A 251 -14.07 5.35 5.88
C ILE A 251 -15.47 4.93 6.36
N ASN A 252 -16.31 5.92 6.67
CA ASN A 252 -17.66 5.63 7.17
C ASN A 252 -18.48 4.89 6.12
N MET A 253 -18.38 5.32 4.87
CA MET A 253 -19.10 4.70 3.77
C MET A 253 -18.82 3.20 3.71
N PHE A 254 -17.54 2.82 3.79
CA PHE A 254 -17.26 1.39 3.70
C PHE A 254 -17.58 0.66 4.99
N ALA A 255 -17.46 1.33 6.13
CA ALA A 255 -17.86 0.68 7.39
C ALA A 255 -19.35 0.37 7.40
N ALA A 256 -20.16 1.20 6.73
CA ALA A 256 -21.60 0.97 6.69
C ALA A 256 -21.97 -0.32 5.96
N LEU A 257 -21.11 -0.81 5.07
CA LEU A 257 -21.31 -2.13 4.44
C LEU A 257 -20.82 -3.28 5.29
N GLY A 258 -20.39 -3.04 6.52
CA GLY A 258 -19.84 -4.10 7.32
C GLY A 258 -18.41 -4.49 7.00
N LEU A 259 -17.64 -3.61 6.37
CA LEU A 259 -16.26 -3.91 6.04
C LEU A 259 -15.30 -3.29 7.05
N ASP A 260 -14.25 -4.02 7.38
CA ASP A 260 -13.09 -3.44 8.06
C ASP A 260 -12.38 -2.46 7.12
N ASN A 261 -11.67 -1.49 7.71
CA ASN A 261 -10.81 -0.56 6.97
C ASN A 261 -9.38 -0.69 7.46
N GLN A 262 -8.42 -0.79 6.54
CA GLN A 262 -7.01 -0.73 6.92
C GLN A 262 -6.33 0.35 6.08
N ILE A 263 -5.51 1.15 6.74
CA ILE A 263 -4.63 2.11 6.08
C ILE A 263 -3.35 1.34 5.75
N THR A 264 -3.11 1.08 4.46
CA THR A 264 -2.13 0.05 4.11
C THR A 264 -0.80 0.56 3.58
N GLY A 265 -0.71 1.80 3.09
CA GLY A 265 0.54 2.29 2.56
C GLY A 265 0.77 3.77 2.83
N LEU A 266 0.45 4.21 4.03
CA LEU A 266 0.46 5.64 4.31
C LEU A 266 1.83 6.25 4.05
N ASP A 267 1.86 7.33 3.27
CA ASP A 267 2.96 8.28 3.27
C ASP A 267 2.36 9.66 3.03
N VAL A 268 2.99 10.69 3.61
CA VAL A 268 2.50 12.07 3.47
C VAL A 268 3.59 12.81 2.69
N SER A 269 3.43 12.88 1.37
CA SER A 269 4.43 13.52 0.53
C SER A 269 4.59 14.99 0.88
N MET A 270 5.80 15.50 0.70
CA MET A 270 6.04 16.93 0.82
C MET A 270 5.54 17.71 -0.38
N TYR A 271 5.15 17.03 -1.47
CA TYR A 271 4.91 17.69 -2.75
C TYR A 271 3.46 17.49 -3.21
N GLY A 272 3.16 18.09 -4.35
CA GLY A 272 1.86 17.97 -4.99
C GLY A 272 1.87 16.89 -6.04
N TRP A 273 1.12 17.12 -7.12
CA TRP A 273 1.03 16.15 -8.20
C TRP A 273 0.78 16.85 -9.52
N PRO A 274 1.64 16.68 -10.53
CA PRO A 274 2.91 15.93 -10.46
C PRO A 274 3.92 16.63 -9.55
N PRO A 275 4.73 15.86 -8.82
CA PRO A 275 5.62 16.48 -7.82
C PRO A 275 6.73 17.29 -8.47
N ARG A 276 7.03 18.42 -7.84
CA ARG A 276 8.24 19.20 -8.14
C ARG A 276 9.11 19.13 -6.88
N ALA A 277 10.05 18.21 -6.87
CA ALA A 277 10.78 17.87 -5.67
C ALA A 277 12.05 18.70 -5.51
N TYR A 278 12.45 18.87 -4.25
CA TYR A 278 13.81 19.31 -3.96
C TYR A 278 14.80 18.19 -4.31
N PRO A 279 16.04 18.54 -4.68
CA PRO A 279 16.99 17.52 -5.12
C PRO A 279 17.56 16.70 -3.98
N THR A 280 17.62 17.28 -2.78
CA THR A 280 18.16 16.59 -1.62
C THR A 280 17.26 16.83 -0.41
N TYR A 281 17.45 15.98 0.60
CA TYR A 281 16.75 16.15 1.87
C TYR A 281 17.16 17.45 2.56
N ASP A 282 18.45 17.80 2.47
CA ASP A 282 18.95 19.02 3.11
C ASP A 282 18.26 20.26 2.56
N ALA A 283 17.83 20.25 1.30
CA ALA A 283 17.22 21.40 0.65
C ALA A 283 15.76 21.65 1.06
N ILE A 284 15.11 20.70 1.71
CA ILE A 284 13.70 20.86 2.10
C ILE A 284 13.59 21.86 3.25
N PRO A 285 12.85 22.96 3.10
CA PRO A 285 12.78 23.95 4.18
C PRO A 285 12.11 23.40 5.42
N LYS A 286 12.57 23.91 6.57
CA LYS A 286 11.99 23.53 7.86
C LYS A 286 10.47 23.63 7.87
N GLN A 287 9.93 24.70 7.26
CA GLN A 287 8.48 24.94 7.32
C GLN A 287 7.69 23.75 6.76
N LYS A 288 8.21 23.07 5.73
CA LYS A 288 7.53 21.89 5.19
C LYS A 288 7.33 20.84 6.27
N PHE A 289 8.33 20.67 7.15
CA PHE A 289 8.22 19.68 8.21
C PHE A 289 7.12 20.03 9.21
N LEU A 290 6.89 21.34 9.41
CA LEU A 290 5.86 21.81 10.32
C LEU A 290 4.48 21.69 9.69
N ASP A 291 4.34 22.00 8.39
CA ASP A 291 3.08 21.74 7.71
C ASP A 291 2.75 20.25 7.73
N GLN A 292 3.77 19.40 7.53
CA GLN A 292 3.53 17.96 7.55
C GLN A 292 3.08 17.49 8.94
N ALA A 293 3.70 18.04 9.99
CA ALA A 293 3.37 17.59 11.33
C ALA A 293 1.92 17.94 11.66
N ALA A 294 1.47 19.14 11.26
CA ALA A 294 0.09 19.52 11.53
C ALA A 294 -0.88 18.64 10.75
N ARG A 295 -0.52 18.29 9.52
CA ARG A 295 -1.33 17.35 8.75
C ARG A 295 -1.39 15.98 9.44
N TYR A 296 -0.23 15.49 9.91
CA TYR A 296 -0.22 14.22 10.65
C TYR A 296 -1.04 14.30 11.93
N ASP A 297 -0.93 15.43 12.64
CA ASP A 297 -1.74 15.65 13.83
C ASP A 297 -3.23 15.48 13.52
N ARG A 298 -3.73 16.18 12.49
CA ARG A 298 -5.13 16.08 12.13
C ARG A 298 -5.50 14.67 11.67
N LEU A 299 -4.61 14.05 10.88
CA LEU A 299 -4.92 12.75 10.29
C LEU A 299 -5.07 11.68 11.36
N PHE A 300 -4.16 11.65 12.33
CA PHE A 300 -4.24 10.58 13.32
C PHE A 300 -5.31 10.86 14.37
N LYS A 301 -5.61 12.13 14.63
CA LYS A 301 -6.79 12.42 15.43
C LYS A 301 -8.04 11.86 14.76
N LEU A 302 -8.12 11.97 13.43
CA LEU A 302 -9.26 11.39 12.71
C LEU A 302 -9.23 9.86 12.76
N TYR A 303 -8.05 9.25 12.58
CA TYR A 303 -7.96 7.80 12.70
C TYR A 303 -8.42 7.33 14.07
N GLU A 304 -8.01 8.03 15.13
CA GLU A 304 -8.45 7.64 16.46
C GLU A 304 -9.96 7.81 16.63
N LYS A 305 -10.52 8.92 16.13
CA LYS A 305 -11.97 9.09 16.16
C LYS A 305 -12.67 7.87 15.56
N LEU A 306 -12.12 7.33 14.48
CA LEU A 306 -12.70 6.21 13.76
C LEU A 306 -12.07 4.86 14.13
N SER A 307 -11.45 4.78 15.32
CA SER A 307 -10.71 3.56 15.64
C SER A 307 -11.59 2.33 15.68
N ASP A 308 -12.89 2.49 15.89
CA ASP A 308 -13.75 1.32 15.86
C ASP A 308 -14.01 0.84 14.44
N LYS A 309 -13.51 1.54 13.42
CA LYS A 309 -13.67 1.10 12.04
C LYS A 309 -12.35 0.83 11.34
N ILE A 310 -11.22 0.98 12.03
CA ILE A 310 -9.90 0.82 11.45
C ILE A 310 -9.13 -0.13 12.34
N SER A 311 -8.64 -1.22 11.77
CA SER A 311 -7.87 -2.18 12.55
C SER A 311 -6.36 -2.00 12.43
N ASN A 312 -5.88 -1.25 11.45
CA ASN A 312 -4.45 -1.19 11.21
C ASN A 312 -4.10 0.06 10.40
N VAL A 313 -2.98 0.68 10.75
CA VAL A 313 -2.40 1.75 9.97
C VAL A 313 -0.96 1.36 9.65
N THR A 314 -0.67 1.15 8.38
CA THR A 314 0.65 0.75 7.92
C THR A 314 1.26 1.86 7.09
N PHE A 315 2.50 2.23 7.41
CA PHE A 315 3.30 3.15 6.59
C PHE A 315 4.03 2.39 5.49
N TRP A 316 4.12 3.00 4.31
CA TRP A 316 4.85 2.37 3.21
C TRP A 316 6.36 2.63 3.32
N GLY A 317 6.91 2.24 4.45
CA GLY A 317 8.33 2.37 4.72
C GLY A 317 8.57 2.55 6.21
N ILE A 318 9.85 2.63 6.55
CA ILE A 318 10.30 2.72 7.95
C ILE A 318 10.70 4.15 8.32
N ALA A 319 11.71 4.70 7.65
CA ALA A 319 12.22 6.05 7.90
C ALA A 319 12.57 6.72 6.57
N ASP A 320 12.76 8.04 6.62
CA ASP A 320 12.87 8.84 5.40
C ASP A 320 14.05 8.45 4.51
N ASN A 321 15.02 7.65 4.99
CA ASN A 321 16.11 7.28 4.10
C ASN A 321 15.67 6.30 3.00
N HIS A 322 14.44 5.77 3.06
CA HIS A 322 14.00 4.83 2.03
C HIS A 322 12.49 4.97 1.84
N THR A 323 12.09 5.46 0.67
CA THR A 323 10.68 5.58 0.31
C THR A 323 10.58 5.53 -1.21
N TRP A 324 9.63 4.71 -1.71
CA TRP A 324 9.35 4.67 -3.15
C TRP A 324 8.95 6.02 -3.72
N LEU A 325 8.56 6.97 -2.87
CA LEU A 325 8.20 8.29 -3.35
C LEU A 325 9.37 8.99 -4.03
N ASP A 326 10.61 8.61 -3.69
CA ASP A 326 11.76 9.21 -4.36
C ASP A 326 11.73 8.94 -5.86
N SER A 327 11.18 7.80 -6.29
CA SER A 327 11.08 7.51 -7.72
C SER A 327 10.11 8.46 -8.42
N ARG A 328 9.23 9.11 -7.67
CA ARG A 328 8.35 10.15 -8.19
C ARG A 328 8.90 11.56 -7.99
N ALA A 329 10.05 11.69 -7.33
CA ALA A 329 10.54 13.01 -6.89
C ALA A 329 11.27 13.70 -8.04
N ASP A 330 10.49 14.18 -9.01
CA ASP A 330 11.08 14.84 -10.17
C ASP A 330 11.59 16.22 -9.79
N VAL A 331 12.78 16.58 -10.28
CA VAL A 331 13.37 17.89 -9.99
C VAL A 331 13.35 18.72 -11.26
N TYR A 332 12.73 19.91 -11.18
CA TYR A 332 12.60 20.82 -12.30
C TYR A 332 13.65 21.92 -12.18
N TYR A 333 14.27 22.26 -13.33
CA TYR A 333 15.35 23.26 -13.38
C TYR A 333 15.01 24.35 -14.37
N ASP A 334 15.19 25.61 -13.97
CA ASP A 334 14.97 26.72 -14.89
C ASP A 334 16.18 26.86 -15.82
N ALA A 335 16.13 27.84 -16.71
CA ALA A 335 17.22 28.00 -17.68
C ALA A 335 18.55 28.34 -17.02
N ASN A 336 18.55 28.95 -15.83
CA ASN A 336 19.77 29.22 -15.10
C ASN A 336 20.28 28.04 -14.29
N GLY A 337 19.58 26.90 -14.33
CA GLY A 337 19.97 25.76 -13.52
C GLY A 337 19.53 25.79 -12.07
N ASN A 338 18.69 26.74 -11.69
CA ASN A 338 18.13 26.75 -10.35
C ASN A 338 16.91 25.84 -10.26
N VAL A 339 16.65 25.33 -9.05
CA VAL A 339 15.57 24.37 -8.82
C VAL A 339 14.23 25.09 -8.78
N VAL A 340 13.21 24.50 -9.42
CA VAL A 340 11.87 25.08 -9.47
C VAL A 340 10.91 24.14 -8.73
N VAL A 341 10.30 24.65 -7.66
CA VAL A 341 9.32 23.89 -6.88
C VAL A 341 7.92 24.49 -6.96
N ASP A 342 7.76 25.71 -7.46
CA ASP A 342 6.43 26.29 -7.67
C ASP A 342 5.74 25.55 -8.81
N PRO A 343 4.54 24.99 -8.59
CA PRO A 343 3.95 24.09 -9.59
C PRO A 343 3.51 24.76 -10.89
N ASN A 344 3.43 26.09 -10.96
CA ASN A 344 3.08 26.73 -12.22
C ASN A 344 4.23 27.48 -12.87
N ALA A 345 5.38 27.54 -12.20
CA ALA A 345 6.46 28.43 -12.59
C ALA A 345 7.19 27.92 -13.84
N PRO A 346 7.86 28.81 -14.56
CA PRO A 346 8.62 28.39 -15.75
C PRO A 346 9.75 27.44 -15.39
N TYR A 347 10.13 26.62 -16.37
CA TYR A 347 11.26 25.72 -16.18
C TYR A 347 11.69 25.22 -17.54
N ALA A 348 12.94 24.77 -17.60
CA ALA A 348 13.56 24.33 -18.84
C ALA A 348 13.67 22.82 -18.97
N LYS A 349 14.04 22.12 -17.91
CA LYS A 349 14.17 20.67 -17.97
C LYS A 349 13.79 20.05 -16.63
N VAL A 350 13.53 18.74 -16.66
CA VAL A 350 13.18 17.98 -15.48
C VAL A 350 14.12 16.77 -15.36
N GLU A 351 14.55 16.46 -14.14
CA GLU A 351 15.33 15.26 -13.87
C GLU A 351 14.44 14.27 -13.12
N LYS A 352 13.85 13.33 -13.86
CA LYS A 352 12.78 12.50 -13.31
C LYS A 352 13.32 11.56 -12.23
N GLY A 353 12.63 11.52 -11.09
CA GLY A 353 12.98 10.60 -10.02
C GLY A 353 14.35 10.79 -9.41
N LYS A 354 14.90 12.01 -9.44
CA LYS A 354 16.23 12.25 -8.89
C LYS A 354 16.23 13.07 -7.60
N GLY A 355 15.08 13.46 -7.08
CA GLY A 355 15.00 14.25 -5.88
C GLY A 355 14.70 13.41 -4.64
N LYS A 356 14.26 14.10 -3.59
CA LYS A 356 14.07 13.48 -2.29
C LYS A 356 12.75 13.93 -1.70
N ASP A 357 11.93 12.97 -1.32
CA ASP A 357 10.73 13.19 -0.52
C ASP A 357 11.02 12.83 0.94
N ALA A 358 10.07 13.13 1.82
CA ALA A 358 10.29 13.02 3.27
C ALA A 358 8.97 12.68 3.96
N PRO A 359 8.45 11.48 3.74
CA PRO A 359 7.02 11.22 4.04
C PRO A 359 6.67 10.65 5.40
N PHE A 360 7.64 10.26 6.23
CA PHE A 360 7.34 9.52 7.44
C PHE A 360 7.45 10.41 8.69
N VAL A 361 7.29 9.81 9.87
CA VAL A 361 7.54 10.52 11.12
C VAL A 361 8.96 10.34 11.62
N PHE A 362 9.77 9.53 10.95
CA PHE A 362 11.16 9.29 11.32
C PHE A 362 12.07 9.75 10.19
N GLY A 363 13.05 10.61 10.52
CA GLY A 363 13.99 11.14 9.56
C GLY A 363 15.00 10.12 9.03
N PRO A 364 15.77 10.51 8.02
CA PRO A 364 16.71 9.54 7.40
C PRO A 364 17.88 9.19 8.28
N ASP A 365 18.14 9.93 9.35
CA ASP A 365 19.13 9.54 10.33
C ASP A 365 18.48 8.82 11.50
N TYR A 366 17.22 8.40 11.35
CA TYR A 366 16.51 7.62 12.37
C TYR A 366 16.25 8.43 13.63
N LYS A 367 16.08 9.75 13.48
CA LYS A 367 15.70 10.63 14.57
C LYS A 367 14.29 11.13 14.33
N VAL A 368 13.55 11.41 15.41
CA VAL A 368 12.13 11.72 15.29
C VAL A 368 11.94 13.11 14.71
N LYS A 369 10.92 13.26 13.88
CA LYS A 369 10.55 14.49 13.19
C LYS A 369 9.47 15.21 13.99
N PRO A 370 9.16 16.45 13.64
CA PRO A 370 7.98 17.09 14.27
C PRO A 370 6.71 16.26 14.09
N ALA A 371 6.53 15.61 12.94
CA ALA A 371 5.35 14.78 12.74
C ALA A 371 5.24 13.68 13.79
N TYR A 372 6.37 13.11 14.24
CA TYR A 372 6.31 12.11 15.30
C TYR A 372 5.69 12.70 16.57
N TRP A 373 6.25 13.80 17.09
CA TRP A 373 5.69 14.41 18.30
C TRP A 373 4.22 14.73 18.10
N ALA A 374 3.84 15.13 16.89
CA ALA A 374 2.46 15.44 16.59
C ALA A 374 1.53 14.24 16.77
N ILE A 375 2.01 13.01 16.61
CA ILE A 375 1.12 11.86 16.75
C ILE A 375 1.39 11.02 17.98
N ILE A 376 2.51 11.26 18.69
CA ILE A 376 2.76 10.50 19.92
C ILE A 376 2.03 11.12 21.11
N ASP A 377 1.62 12.38 21.03
CA ASP A 377 0.95 13.04 22.13
C ASP A 377 -0.54 12.69 22.15
N HIS A 378 -1.26 13.28 23.10
CA HIS A 378 -2.70 13.05 23.22
C HIS A 378 -3.47 14.35 23.03
N LYS A 379 -2.91 15.28 22.28
CA LYS A 379 -3.58 16.54 21.95
C LYS A 379 -3.94 16.53 20.49
C1 A1ID6 B . 1.11 1.17 -3.99
C2 A1ID6 B . 1.27 -0.27 -4.46
C3 A1ID6 B . 2.61 -0.79 -3.94
C4 A1ID6 B . 3.71 0.09 -4.52
C5 A1ID6 B . 3.49 1.51 -3.99
O2 A1ID6 B . 0.21 -1.07 -3.93
O3 A1ID6 B . 2.81 -2.14 -4.35
O4 A1ID6 B . 4.99 -0.42 -4.16
O5 A1ID6 B . 2.21 1.98 -4.44
F1 A1ID6 B . 1.06 1.19 -2.61
C1 XYP B . 6.04 0.04 -4.99
C2 XYP B . 7.35 -0.32 -4.32
C3 XYP B . 8.52 0.01 -5.21
C4 XYP B . 8.32 -0.68 -6.55
C5 XYP B . 6.99 -0.27 -7.16
O2 XYP B . 7.53 0.37 -3.08
O3 XYP B . 9.72 -0.40 -4.53
O4 XYP B . 9.39 -0.32 -7.44
O5 XYP B . 5.92 -0.62 -6.27
C1 A1ID6 C . -4.91 19.82 -4.50
C2 A1ID6 C . -3.56 19.14 -4.71
C3 A1ID6 C . -3.54 18.36 -6.01
C4 A1ID6 C . -4.75 17.43 -6.13
C5 A1ID6 C . -6.02 18.25 -5.95
O2 A1ID6 C . -2.48 20.10 -4.71
O3 A1ID6 C . -2.34 17.58 -6.11
O4 A1ID6 C . -4.76 16.77 -7.39
O5 A1ID6 C . -6.00 18.90 -4.68
F1 A1ID6 C . -5.06 20.84 -5.40
C1 XYP C . -4.76 15.36 -7.26
C2 XYP C . -5.32 14.71 -8.52
C3 XYP C . -5.27 13.18 -8.39
C4 XYP C . -3.84 12.75 -8.09
C5 XYP C . -3.37 13.48 -6.83
O2 XYP C . -6.68 15.12 -8.69
O3 XYP C . -5.73 12.53 -9.58
O4 XYP C . -3.86 11.33 -7.93
O5 XYP C . -3.43 14.89 -6.99
C1 XYP C . -2.64 10.63 -8.25
C2 XYP C . -1.99 10.26 -6.92
C3 XYP C . -0.90 9.22 -7.09
C4 XYP C . -1.42 8.02 -7.85
C5 XYP C . -1.99 8.50 -9.19
O2 XYP C . -1.35 11.40 -6.33
O3 XYP C . -0.43 8.84 -5.80
O4 XYP C . -0.30 7.17 -8.07
O5 XYP C . -3.02 9.44 -8.95
C1 XYP C . -0.50 5.78 -7.81
C2 XYP C . 0.17 5.04 -8.96
C3 XYP C . 0.17 3.54 -8.71
C4 XYP C . 0.81 3.27 -7.37
C5 XYP C . 0.06 4.03 -6.27
O2 XYP C . -0.52 5.33 -10.18
O3 XYP C . 0.91 2.87 -9.73
O4 XYP C . 0.79 1.86 -7.15
O5 XYP C . 0.12 5.44 -6.57
ZN ZN D . 11.55 0.37 -1.42
ZN ZN E . -9.50 -0.29 15.82
ZN ZN F . -1.55 15.03 18.18
ZN ZN G . 18.51 14.71 11.64
ZN ZN H . 22.45 15.53 2.00
ZN ZN I . 5.73 -3.36 20.21
CL CL J . 11.29 1.83 -3.01
CL CL K . 17.57 15.07 9.69
#